data_5AN6
#
_entry.id   5AN6
#
_cell.length_a   77.000
_cell.length_b   77.000
_cell.length_c   160.000
_cell.angle_alpha   90.00
_cell.angle_beta   90.00
_cell.angle_gamma   120.00
#
_symmetry.space_group_name_H-M   'P 31 2 1'
#
loop_
_entity.id
_entity.type
_entity.pdbx_description
1 polymer 'CRISPR-ASSOCIATED PROTEIN, CSM2 FAMILY'
2 non-polymer 'CADMIUM ION'
3 water water
#
_entity_poly.entity_id   1
_entity_poly.type   'polypeptide(L)'
_entity_poly.pdbx_seq_one_letter_code
;GVSLKEDLKDLVRKAEEIGRELSGKLKTNQLRKFHGHLTKIWSNYIYKKKDYRDNPEKFNEEILNELHFMKIFLAYQVGR
DIEGISELKEILEPLIDEIKTPDEFEKFKKFYDAILAYHKFHS
;
_entity_poly.pdbx_strand_id   A,B,C
#
loop_
_chem_comp.id
_chem_comp.type
_chem_comp.name
_chem_comp.formula
CD non-polymer 'CADMIUM ION' 'Cd 2'
#
# COMPACT_ATOMS: atom_id res chain seq x y z
N GLY A 1 9.73 -3.03 19.44
CA GLY A 1 10.24 -4.39 19.38
C GLY A 1 9.39 -5.37 20.15
N VAL A 2 8.18 -5.64 19.65
CA VAL A 2 7.26 -6.58 20.28
C VAL A 2 7.20 -7.89 19.51
N SER A 3 7.25 -9.00 20.25
CA SER A 3 7.05 -10.33 19.68
C SER A 3 6.07 -11.16 20.51
N LEU A 4 5.37 -12.07 19.84
CA LEU A 4 4.39 -12.90 20.54
C LEU A 4 5.03 -14.13 21.20
N LYS A 5 6.33 -14.30 21.04
CA LYS A 5 7.01 -15.40 21.71
C LYS A 5 7.41 -14.99 23.13
N GLU A 6 7.41 -13.68 23.38
CA GLU A 6 7.78 -13.17 24.69
C GLU A 6 6.81 -13.65 25.76
N ASP A 7 7.29 -13.61 27.00
CA ASP A 7 6.45 -13.89 28.16
C ASP A 7 5.28 -12.89 28.24
N LEU A 8 4.10 -13.40 28.57
CA LEU A 8 2.89 -12.58 28.70
C LEU A 8 3.08 -11.32 29.54
N LYS A 9 3.76 -11.44 30.68
CA LYS A 9 4.00 -10.29 31.54
C LYS A 9 4.79 -9.19 30.81
N ASP A 10 5.77 -9.59 30.00
CA ASP A 10 6.56 -8.61 29.26
C ASP A 10 5.81 -8.08 28.05
N LEU A 11 4.82 -8.84 27.61
CA LEU A 11 3.95 -8.37 26.56
C LEU A 11 3.02 -7.31 27.10
N VAL A 12 2.38 -7.63 28.24
CA VAL A 12 1.49 -6.70 28.92
C VAL A 12 2.21 -5.40 29.21
N ARG A 13 3.42 -5.48 29.73
CA ARG A 13 4.16 -4.26 30.07
C ARG A 13 4.41 -3.42 28.83
N LYS A 14 4.76 -4.07 27.72
CA LYS A 14 5.06 -3.33 26.52
C LYS A 14 3.77 -2.70 25.98
N ALA A 15 2.65 -3.40 26.14
CA ALA A 15 1.36 -2.87 25.75
C ALA A 15 1.08 -1.60 26.53
N GLU A 16 1.69 -1.49 27.71
CA GLU A 16 1.47 -0.30 28.52
C GLU A 16 2.20 0.89 27.92
N GLU A 17 3.48 0.70 27.61
CA GLU A 17 4.26 1.72 26.94
C GLU A 17 3.43 2.26 25.76
N ILE A 18 3.12 1.39 24.82
CA ILE A 18 2.29 1.72 23.66
C ILE A 18 1.01 2.44 24.08
N GLY A 19 0.28 1.88 25.02
CA GLY A 19 -0.97 2.47 25.46
C GLY A 19 -0.87 3.88 26.03
N ARG A 20 0.22 4.18 26.74
CA ARG A 20 0.40 5.51 27.29
C ARG A 20 0.77 6.49 26.19
N GLU A 21 1.68 6.08 25.31
CA GLU A 21 2.13 6.96 24.23
C GLU A 21 0.97 7.36 23.31
N LEU A 22 0.11 6.40 23.01
CA LEU A 22 -1.03 6.69 22.15
C LEU A 22 -2.11 7.47 22.85
N SER A 23 -2.03 7.59 24.18
CA SER A 23 -3.13 8.18 24.93
C SER A 23 -3.23 9.67 24.64
N GLY A 24 -2.09 10.29 24.37
CA GLY A 24 -2.09 11.69 23.98
C GLY A 24 -2.60 11.88 22.56
N LYS A 25 -2.13 11.03 21.64
CA LYS A 25 -2.32 11.20 20.22
C LYS A 25 -3.63 10.58 19.72
N LEU A 26 -3.82 9.29 20.01
CA LEU A 26 -5.00 8.58 19.56
C LEU A 26 -6.09 8.67 20.60
N LYS A 27 -7.33 8.87 20.15
CA LYS A 27 -8.38 9.17 21.09
C LYS A 27 -9.14 7.89 21.51
N THR A 28 -10.16 8.10 22.36
CA THR A 28 -11.07 7.04 22.81
C THR A 28 -11.29 6.03 21.68
N ASN A 29 -10.90 4.78 21.92
CA ASN A 29 -10.54 3.86 20.83
C ASN A 29 -11.52 3.78 19.62
N GLN A 30 -10.96 3.80 18.42
CA GLN A 30 -11.73 3.86 17.18
C GLN A 30 -11.40 2.68 16.28
N LEU A 31 -11.19 1.52 16.88
CA LEU A 31 -11.08 0.30 16.09
C LEU A 31 -12.20 -0.65 16.53
N ARG A 32 -13.34 -0.04 16.86
CA ARG A 32 -14.54 -0.77 17.24
C ARG A 32 -14.80 -1.94 16.31
N LYS A 33 -14.87 -1.68 15.00
CA LYS A 33 -15.17 -2.76 14.06
C LYS A 33 -14.06 -3.83 14.07
N PHE A 34 -12.81 -3.39 14.24
CA PHE A 34 -11.66 -4.29 14.36
C PHE A 34 -11.70 -5.12 15.65
N HIS A 35 -11.83 -4.45 16.80
CA HIS A 35 -11.97 -5.17 18.05
C HIS A 35 -13.22 -6.04 17.96
N GLY A 36 -14.21 -5.57 17.21
CA GLY A 36 -15.39 -6.34 16.92
C GLY A 36 -15.07 -7.68 16.28
N HIS A 37 -14.31 -7.65 15.19
CA HIS A 37 -13.92 -8.90 14.53
C HIS A 37 -13.00 -9.77 15.39
N LEU A 38 -12.12 -9.15 16.15
CA LEU A 38 -11.15 -9.87 16.98
C LEU A 38 -11.86 -10.74 18.00
N THR A 39 -12.80 -10.15 18.74
CA THR A 39 -13.57 -10.89 19.73
C THR A 39 -14.44 -11.95 19.07
N LYS A 40 -14.90 -11.65 17.86
CA LYS A 40 -15.68 -12.62 17.13
C LYS A 40 -14.84 -13.84 16.79
N ILE A 41 -13.63 -13.61 16.31
CA ILE A 41 -12.76 -14.69 15.91
C ILE A 41 -12.25 -15.44 17.14
N TRP A 42 -12.01 -14.71 18.23
CA TRP A 42 -11.65 -15.34 19.47
C TRP A 42 -12.75 -16.31 19.94
N SER A 43 -13.99 -15.89 19.86
CA SER A 43 -15.08 -16.73 20.34
C SER A 43 -15.33 -17.89 19.36
N ASN A 44 -15.09 -17.67 18.08
CA ASN A 44 -15.07 -18.76 17.11
C ASN A 44 -14.09 -19.87 17.49
N TYR A 45 -12.94 -19.46 18.00
CA TYR A 45 -11.86 -20.36 18.36
C TYR A 45 -12.18 -21.05 19.66
N ILE A 46 -12.72 -20.30 20.61
CA ILE A 46 -13.12 -20.89 21.88
C ILE A 46 -14.18 -21.95 21.62
N TYR A 47 -15.11 -21.62 20.73
CA TYR A 47 -16.22 -22.50 20.45
C TYR A 47 -15.75 -23.91 20.12
N LYS A 48 -14.70 -24.01 19.30
CA LYS A 48 -14.13 -25.29 18.92
C LYS A 48 -12.68 -25.43 19.35
N LYS A 49 -12.40 -25.12 20.61
CA LYS A 49 -11.02 -25.01 21.08
C LYS A 49 -10.19 -26.30 20.93
N LYS A 50 -10.70 -27.42 21.45
CA LYS A 50 -9.95 -28.68 21.41
C LYS A 50 -9.72 -29.13 19.98
N ASP A 51 -10.74 -29.02 19.16
CA ASP A 51 -10.63 -29.33 17.74
C ASP A 51 -9.50 -28.50 17.04
N TYR A 52 -9.46 -27.19 17.29
CA TYR A 52 -8.46 -26.32 16.66
C TYR A 52 -7.05 -26.61 17.17
N ARG A 53 -6.92 -26.87 18.47
CA ARG A 53 -5.64 -27.20 19.07
C ARG A 53 -5.13 -28.58 18.64
N ASP A 54 -6.04 -29.48 18.28
CA ASP A 54 -5.61 -30.80 17.80
C ASP A 54 -5.40 -30.87 16.29
N ASN A 55 -6.03 -29.98 15.53
CA ASN A 55 -5.88 -29.97 14.08
C ASN A 55 -5.40 -28.63 13.55
N PRO A 56 -4.07 -28.46 13.51
CA PRO A 56 -3.39 -27.26 13.05
C PRO A 56 -3.87 -26.81 11.69
N GLU A 57 -4.22 -27.74 10.81
CA GLU A 57 -4.66 -27.33 9.48
C GLU A 57 -6.06 -26.72 9.51
N LYS A 58 -6.92 -27.20 10.39
CA LYS A 58 -8.24 -26.61 10.53
C LYS A 58 -8.11 -25.22 11.21
N PHE A 59 -7.13 -25.10 12.09
CA PHE A 59 -6.87 -23.83 12.77
C PHE A 59 -6.34 -22.80 11.74
N ASN A 60 -5.46 -23.25 10.85
CA ASN A 60 -4.95 -22.40 9.78
C ASN A 60 -6.05 -21.94 8.83
N GLU A 61 -6.78 -22.90 8.29
CA GLU A 61 -7.73 -22.60 7.23
C GLU A 61 -8.92 -21.80 7.75
N GLU A 62 -9.19 -21.89 9.05
CA GLU A 62 -10.35 -21.19 9.60
C GLU A 62 -9.93 -19.97 10.41
N ILE A 63 -9.24 -20.16 11.53
CA ILE A 63 -8.88 -19.03 12.37
C ILE A 63 -7.79 -18.12 11.77
N LEU A 64 -6.62 -18.66 11.41
CA LEU A 64 -5.54 -17.84 10.86
C LEU A 64 -5.99 -17.10 9.60
N ASN A 65 -6.89 -17.75 8.87
CA ASN A 65 -7.45 -17.16 7.68
C ASN A 65 -8.37 -15.99 8.01
N GLU A 66 -9.18 -16.15 9.05
CA GLU A 66 -10.00 -15.06 9.55
C GLU A 66 -9.09 -13.93 10.06
N LEU A 67 -8.06 -14.27 10.85
CA LEU A 67 -7.13 -13.28 11.33
C LEU A 67 -6.46 -12.54 10.17
N HIS A 68 -6.24 -13.24 9.06
CA HIS A 68 -5.60 -12.60 7.94
C HIS A 68 -6.57 -11.62 7.26
N PHE A 69 -7.86 -11.91 7.27
CA PHE A 69 -8.84 -10.94 6.78
C PHE A 69 -8.90 -9.75 7.74
N MET A 70 -8.73 -10.02 9.02
CA MET A 70 -8.83 -9.00 10.03
C MET A 70 -7.69 -8.01 9.82
N LYS A 71 -6.54 -8.55 9.49
CA LYS A 71 -5.34 -7.75 9.29
C LYS A 71 -5.51 -6.86 8.06
N ILE A 72 -6.10 -7.43 7.01
CA ILE A 72 -6.41 -6.70 5.79
C ILE A 72 -7.45 -5.61 6.10
N PHE A 73 -8.49 -5.99 6.84
CA PHE A 73 -9.55 -5.09 7.25
C PHE A 73 -9.00 -3.91 8.07
N LEU A 74 -8.07 -4.20 8.99
CA LEU A 74 -7.48 -3.17 9.83
C LEU A 74 -6.83 -2.08 8.98
N ALA A 75 -6.03 -2.47 8.00
CA ALA A 75 -5.40 -1.50 7.10
C ALA A 75 -6.45 -0.65 6.42
N TYR A 76 -7.57 -1.29 6.07
CA TYR A 76 -8.63 -0.64 5.33
C TYR A 76 -9.35 0.38 6.23
N GLN A 77 -9.72 -0.05 7.42
CA GLN A 77 -10.36 0.83 8.38
C GLN A 77 -9.49 2.03 8.72
N VAL A 78 -8.22 1.78 8.98
CA VAL A 78 -7.29 2.84 9.34
C VAL A 78 -7.09 3.84 8.20
N GLY A 79 -6.85 3.35 6.98
CA GLY A 79 -6.77 4.22 5.82
C GLY A 79 -8.01 5.11 5.70
N ARG A 80 -9.16 4.56 6.06
CA ARG A 80 -10.39 5.31 5.89
C ARG A 80 -10.61 6.33 6.99
N ASP A 81 -10.15 6.00 8.20
CA ASP A 81 -10.12 6.94 9.32
C ASP A 81 -9.27 8.14 8.96
N ILE A 82 -8.10 7.87 8.41
CA ILE A 82 -7.16 8.92 8.07
C ILE A 82 -7.68 9.80 6.95
N GLU A 83 -8.24 9.19 5.91
CA GLU A 83 -8.71 10.00 4.81
C GLU A 83 -9.95 10.81 5.23
N GLY A 84 -10.80 10.26 6.08
CA GLY A 84 -11.95 10.98 6.60
C GLY A 84 -11.60 12.20 7.46
N ILE A 85 -10.72 12.02 8.45
CA ILE A 85 -10.38 13.11 9.35
C ILE A 85 -9.61 14.18 8.56
N SER A 86 -8.78 13.75 7.62
CA SER A 86 -8.13 14.65 6.66
C SER A 86 -9.11 15.46 5.83
N GLU A 87 -10.22 14.85 5.44
CA GLU A 87 -11.17 15.57 4.59
C GLU A 87 -11.89 16.60 5.45
N LEU A 88 -12.25 16.22 6.66
CA LEU A 88 -12.92 17.14 7.56
C LEU A 88 -12.01 18.32 7.89
N LYS A 89 -10.73 18.03 8.13
CA LYS A 89 -9.77 19.09 8.33
C LYS A 89 -9.72 20.04 7.14
N GLU A 90 -9.61 19.51 5.93
CA GLU A 90 -9.44 20.36 4.76
C GLU A 90 -10.71 21.15 4.43
N ILE A 91 -11.85 20.69 4.93
CA ILE A 91 -13.08 21.44 4.85
C ILE A 91 -13.06 22.55 5.91
N LEU A 92 -12.84 22.20 7.17
CA LEU A 92 -12.90 23.19 8.25
C LEU A 92 -11.84 24.31 8.18
N GLU A 93 -10.60 23.99 7.80
CA GLU A 93 -9.52 24.96 7.90
C GLU A 93 -9.78 26.25 7.09
N PRO A 94 -10.06 26.13 5.78
CA PRO A 94 -10.34 27.38 5.04
C PRO A 94 -11.60 28.10 5.54
N LEU A 95 -12.54 27.34 6.05
CA LEU A 95 -13.78 27.94 6.54
C LEU A 95 -13.52 28.77 7.80
N ILE A 96 -12.66 28.28 8.69
CA ILE A 96 -12.38 29.05 9.89
C ILE A 96 -11.77 30.39 9.51
N ASP A 97 -10.94 30.43 8.46
CA ASP A 97 -10.39 31.70 7.96
C ASP A 97 -11.43 32.60 7.29
N GLU A 98 -12.59 32.05 6.92
CA GLU A 98 -13.62 32.90 6.30
C GLU A 98 -14.49 33.60 7.34
N ILE A 99 -14.35 33.23 8.60
CA ILE A 99 -15.06 33.94 9.65
C ILE A 99 -14.46 35.32 9.83
N LYS A 100 -15.13 36.34 9.29
CA LYS A 100 -14.63 37.71 9.37
C LYS A 100 -15.55 38.60 10.20
N THR A 101 -16.74 38.08 10.51
CA THR A 101 -17.77 38.87 11.20
C THR A 101 -18.49 38.00 12.20
N PRO A 102 -19.19 38.62 13.16
CA PRO A 102 -20.03 37.80 14.05
C PRO A 102 -21.08 36.93 13.33
N ASP A 103 -21.70 37.38 12.25
CA ASP A 103 -22.78 36.59 11.68
C ASP A 103 -22.19 35.36 11.00
N GLU A 104 -20.99 35.51 10.43
CA GLU A 104 -20.28 34.43 9.79
C GLU A 104 -19.82 33.42 10.84
N PHE A 105 -19.40 33.91 11.99
CA PHE A 105 -19.06 33.02 13.09
C PHE A 105 -20.28 32.17 13.43
N GLU A 106 -21.44 32.81 13.59
CA GLU A 106 -22.67 32.07 13.89
C GLU A 106 -23.00 31.07 12.78
N LYS A 107 -22.72 31.42 11.54
CA LYS A 107 -23.00 30.51 10.43
C LYS A 107 -22.06 29.31 10.52
N PHE A 108 -20.80 29.58 10.79
CA PHE A 108 -19.86 28.50 10.96
C PHE A 108 -20.23 27.55 12.10
N LYS A 109 -20.61 28.07 13.27
CA LYS A 109 -21.00 27.24 14.41
C LYS A 109 -22.23 26.40 14.07
N LYS A 110 -23.18 26.97 13.35
CA LYS A 110 -24.35 26.19 12.96
C LYS A 110 -23.96 25.11 11.96
N PHE A 111 -22.99 25.43 11.10
CA PHE A 111 -22.53 24.50 10.08
C PHE A 111 -21.86 23.28 10.70
N TYR A 112 -20.93 23.54 11.61
CA TYR A 112 -20.21 22.47 12.26
C TYR A 112 -21.17 21.61 13.07
N ASP A 113 -22.08 22.27 13.79
CA ASP A 113 -23.05 21.53 14.59
C ASP A 113 -23.87 20.59 13.72
N ALA A 114 -24.22 21.05 12.54
CA ALA A 114 -24.98 20.26 11.59
C ALA A 114 -24.19 19.02 11.14
N ILE A 115 -22.94 19.20 10.72
CA ILE A 115 -22.09 18.06 10.40
C ILE A 115 -22.05 17.08 11.58
N LEU A 116 -21.94 17.62 12.79
CA LEU A 116 -21.87 16.80 13.99
C LEU A 116 -23.17 16.03 14.20
N ALA A 117 -24.29 16.66 13.86
CA ALA A 117 -25.61 16.03 14.03
C ALA A 117 -25.80 14.82 13.11
N TYR A 118 -25.60 15.01 11.80
CA TYR A 118 -25.79 13.89 10.86
C TYR A 118 -24.59 12.95 10.77
N HIS A 119 -23.67 13.09 11.71
CA HIS A 119 -22.52 12.19 11.83
C HIS A 119 -22.93 11.05 12.75
N LYS A 120 -23.93 11.33 13.59
CA LYS A 120 -24.38 10.40 14.62
C LYS A 120 -25.62 9.63 14.17
N PHE A 121 -26.63 10.35 13.66
CA PHE A 121 -27.86 9.73 13.14
C PHE A 121 -27.52 8.79 11.96
N HIS A 122 -26.27 8.75 11.53
CA HIS A 122 -25.89 7.63 10.65
C HIS A 122 -24.89 6.65 11.30
N SER A 123 -23.84 7.15 11.96
CA SER A 123 -22.85 6.25 12.56
C SER A 123 -23.41 5.57 13.82
N GLY B 1 17.78 3.12 9.73
CA GLY B 1 18.93 3.52 10.53
C GLY B 1 20.22 2.85 10.07
N VAL B 2 20.48 2.93 8.76
CA VAL B 2 21.65 2.26 8.18
C VAL B 2 22.61 3.29 7.58
N SER B 3 23.92 3.01 7.64
CA SER B 3 24.92 3.97 7.15
C SER B 3 26.21 3.32 6.65
N LEU B 4 26.90 4.00 5.74
CA LEU B 4 28.09 3.42 5.11
C LEU B 4 29.31 3.54 6.02
N LYS B 5 29.18 4.30 7.09
CA LYS B 5 30.21 4.33 8.13
C LYS B 5 30.29 2.97 8.84
N GLU B 6 29.13 2.31 8.95
CA GLU B 6 29.07 0.98 9.54
C GLU B 6 29.98 0.04 8.79
N ASP B 7 30.46 -0.99 9.47
CA ASP B 7 31.31 -2.00 8.83
C ASP B 7 30.47 -2.97 8.01
N LEU B 8 31.11 -3.59 7.03
CA LEU B 8 30.42 -4.50 6.12
C LEU B 8 29.60 -5.55 6.86
N LYS B 9 30.20 -6.10 7.93
CA LYS B 9 29.55 -7.13 8.74
C LYS B 9 28.12 -6.74 9.13
N ASP B 10 27.97 -5.53 9.65
CA ASP B 10 26.68 -5.09 10.17
C ASP B 10 25.71 -4.72 9.06
N LEU B 11 26.25 -4.24 7.94
CA LEU B 11 25.42 -3.85 6.81
C LEU B 11 24.78 -5.08 6.19
N VAL B 12 25.59 -6.12 6.00
CA VAL B 12 25.11 -7.37 5.44
C VAL B 12 24.01 -7.96 6.32
N ARG B 13 24.17 -7.87 7.64
CA ARG B 13 23.13 -8.43 8.52
C ARG B 13 21.88 -7.60 8.42
N LYS B 14 22.02 -6.28 8.42
CA LYS B 14 20.86 -5.41 8.23
C LYS B 14 20.27 -5.63 6.84
N ALA B 15 21.14 -5.92 5.88
CA ALA B 15 20.69 -6.13 4.51
C ALA B 15 19.79 -7.35 4.38
N GLU B 16 19.80 -8.22 5.38
CA GLU B 16 18.93 -9.38 5.30
C GLU B 16 17.66 -9.18 6.12
N GLU B 17 17.75 -8.43 7.22
CA GLU B 17 16.57 -7.97 7.93
C GLU B 17 15.69 -7.15 6.98
N ILE B 18 16.32 -6.31 6.18
CA ILE B 18 15.62 -5.45 5.25
C ILE B 18 15.00 -6.26 4.11
N GLY B 19 15.79 -7.17 3.54
CA GLY B 19 15.31 -8.01 2.45
C GLY B 19 14.10 -8.85 2.83
N ARG B 20 13.97 -9.19 4.12
CA ARG B 20 12.82 -9.95 4.57
C ARG B 20 11.64 -9.04 4.94
N GLU B 21 11.91 -7.86 5.50
CA GLU B 21 10.82 -6.94 5.80
C GLU B 21 10.19 -6.47 4.49
N LEU B 22 10.96 -6.54 3.39
CA LEU B 22 10.48 -6.07 2.10
C LEU B 22 9.69 -7.12 1.37
N SER B 23 10.08 -8.37 1.55
CA SER B 23 9.75 -9.45 0.60
C SER B 23 8.25 -9.66 0.35
N GLY B 24 7.45 -9.56 1.41
CA GLY B 24 6.01 -9.68 1.25
C GLY B 24 5.41 -8.43 0.64
N LYS B 25 6.00 -7.27 0.94
CA LYS B 25 5.41 -5.98 0.58
C LYS B 25 5.77 -5.54 -0.83
N LEU B 26 7.07 -5.39 -1.08
CA LEU B 26 7.55 -4.89 -2.34
C LEU B 26 7.57 -5.99 -3.38
N LYS B 27 6.98 -5.74 -4.56
CA LYS B 27 7.00 -6.77 -5.60
C LYS B 27 8.45 -6.92 -6.05
N THR B 28 8.90 -8.17 -6.12
CA THR B 28 10.31 -8.49 -6.36
C THR B 28 10.76 -8.11 -7.76
N ASN B 29 11.98 -7.57 -7.87
CA ASN B 29 12.58 -7.18 -9.15
C ASN B 29 11.73 -6.19 -9.94
N GLN B 30 11.38 -5.10 -9.28
CA GLN B 30 10.52 -4.07 -9.86
C GLN B 30 11.27 -2.75 -9.96
N LEU B 31 12.41 -2.70 -9.26
CA LEU B 31 13.35 -1.59 -9.37
C LEU B 31 14.47 -1.98 -10.33
N ARG B 32 14.09 -2.52 -11.49
CA ARG B 32 15.04 -3.09 -12.42
C ARG B 32 15.69 -2.06 -13.35
N LYS B 33 15.00 -0.95 -13.61
CA LYS B 33 15.62 0.16 -14.33
C LYS B 33 16.85 0.63 -13.54
N PHE B 34 16.75 0.55 -12.23
CA PHE B 34 17.76 1.09 -11.34
C PHE B 34 18.86 0.07 -11.15
N HIS B 35 18.46 -1.19 -11.00
CA HIS B 35 19.42 -2.27 -10.80
C HIS B 35 20.31 -2.38 -12.02
N GLY B 36 19.70 -2.19 -13.18
CA GLY B 36 20.43 -2.23 -14.42
C GLY B 36 21.46 -1.12 -14.50
N HIS B 37 21.01 0.11 -14.31
CA HIS B 37 21.90 1.25 -14.47
C HIS B 37 23.03 1.15 -13.42
N LEU B 38 22.73 0.54 -12.28
CA LEU B 38 23.75 0.33 -11.26
C LEU B 38 24.80 -0.68 -11.72
N THR B 39 24.36 -1.71 -12.42
CA THR B 39 25.26 -2.75 -12.87
C THR B 39 26.22 -2.21 -13.93
N LYS B 40 25.77 -1.27 -14.74
CA LYS B 40 26.66 -0.70 -15.76
C LYS B 40 27.73 0.17 -15.10
N ILE B 41 27.31 0.98 -14.14
CA ILE B 41 28.25 1.86 -13.43
C ILE B 41 29.30 1.04 -12.72
N TRP B 42 28.85 0.00 -12.04
CA TRP B 42 29.74 -0.90 -11.34
C TRP B 42 30.72 -1.58 -12.30
N SER B 43 30.28 -1.86 -13.52
CA SER B 43 31.16 -2.50 -14.49
C SER B 43 32.23 -1.50 -14.94
N ASN B 44 31.81 -0.28 -15.24
CA ASN B 44 32.75 0.81 -15.50
C ASN B 44 33.75 1.02 -14.36
N TYR B 45 33.33 0.78 -13.12
CA TYR B 45 34.20 0.95 -11.96
C TYR B 45 35.21 -0.18 -11.80
N ILE B 46 34.76 -1.42 -11.89
CA ILE B 46 35.65 -2.58 -11.81
C ILE B 46 36.69 -2.48 -12.94
N TYR B 47 36.21 -2.05 -14.10
CA TYR B 47 37.04 -1.89 -15.29
C TYR B 47 38.31 -1.11 -15.00
N LYS B 48 38.15 0.11 -14.51
CA LYS B 48 39.28 0.99 -14.25
C LYS B 48 39.53 1.19 -12.76
N LYS B 49 39.41 0.12 -11.98
CA LYS B 49 39.41 0.19 -10.51
C LYS B 49 40.62 0.93 -9.95
N LYS B 50 41.81 0.63 -10.45
CA LYS B 50 43.00 1.26 -9.91
C LYS B 50 43.20 2.64 -10.54
N ASP B 51 42.57 2.86 -11.69
CA ASP B 51 42.52 4.19 -12.32
C ASP B 51 41.67 5.15 -11.44
N TYR B 52 40.75 4.58 -10.66
CA TYR B 52 39.83 5.41 -9.90
C TYR B 52 40.33 5.67 -8.48
N ARG B 53 41.02 4.69 -7.90
CA ARG B 53 41.43 4.82 -6.50
C ARG B 53 42.61 5.80 -6.34
N ASP B 54 43.12 6.31 -7.47
CA ASP B 54 44.16 7.33 -7.48
C ASP B 54 43.69 8.65 -8.15
N ASN B 55 42.45 8.69 -8.64
CA ASN B 55 42.01 9.85 -9.38
C ASN B 55 40.61 10.32 -9.01
N PRO B 56 40.50 11.12 -7.94
CA PRO B 56 39.21 11.55 -7.42
C PRO B 56 38.37 12.30 -8.46
N GLU B 57 39.06 12.98 -9.36
CA GLU B 57 38.39 13.81 -10.37
C GLU B 57 37.73 12.93 -11.43
N LYS B 58 38.45 11.93 -11.93
CA LYS B 58 37.84 10.98 -12.85
C LYS B 58 36.68 10.22 -12.17
N PHE B 59 36.91 9.80 -10.93
CA PHE B 59 35.90 9.05 -10.18
C PHE B 59 34.63 9.86 -10.05
N ASN B 60 34.79 11.15 -9.79
CA ASN B 60 33.67 12.02 -9.55
C ASN B 60 32.88 12.28 -10.81
N GLU B 61 33.59 12.53 -11.90
CA GLU B 61 32.85 12.94 -13.08
C GLU B 61 32.40 11.72 -13.90
N GLU B 62 33.01 10.56 -13.68
CA GLU B 62 32.63 9.36 -14.41
C GLU B 62 31.74 8.37 -13.64
N ILE B 63 31.98 8.20 -12.35
CA ILE B 63 31.20 7.25 -11.57
C ILE B 63 30.12 7.93 -10.74
N LEU B 64 30.52 8.79 -9.81
CA LEU B 64 29.54 9.22 -8.82
C LEU B 64 28.66 10.35 -9.37
N ASN B 65 29.08 10.98 -10.45
CA ASN B 65 28.19 11.88 -11.16
C ASN B 65 26.98 11.11 -11.71
N GLU B 66 27.21 9.88 -12.15
CA GLU B 66 26.13 9.05 -12.68
C GLU B 66 25.28 8.46 -11.55
N LEU B 67 25.90 8.13 -10.42
CA LEU B 67 25.17 7.79 -9.19
C LEU B 67 24.25 8.93 -8.77
N HIS B 68 24.67 10.17 -9.00
CA HIS B 68 23.87 11.34 -8.65
C HIS B 68 22.60 11.38 -9.51
N PHE B 69 22.71 11.07 -10.81
CA PHE B 69 21.50 11.10 -11.61
C PHE B 69 20.61 9.91 -11.27
N MET B 70 21.20 8.75 -11.01
CA MET B 70 20.41 7.58 -10.63
C MET B 70 19.51 7.84 -9.44
N LYS B 71 20.08 8.43 -8.39
CA LYS B 71 19.34 8.57 -7.15
C LYS B 71 18.20 9.55 -7.35
N ILE B 72 18.42 10.53 -8.22
CA ILE B 72 17.40 11.50 -8.55
C ILE B 72 16.23 10.87 -9.34
N PHE B 73 16.58 10.05 -10.33
CA PHE B 73 15.57 9.45 -11.20
C PHE B 73 14.80 8.36 -10.46
N LEU B 74 15.50 7.68 -9.56
CA LEU B 74 14.86 6.74 -8.65
C LEU B 74 13.76 7.40 -7.82
N ALA B 75 14.10 8.51 -7.18
CA ALA B 75 13.16 9.22 -6.33
C ALA B 75 11.95 9.67 -7.16
N TYR B 76 12.22 10.24 -8.33
CA TYR B 76 11.17 10.74 -9.22
C TYR B 76 10.22 9.63 -9.61
N GLN B 77 10.78 8.49 -9.98
CA GLN B 77 9.99 7.41 -10.54
C GLN B 77 9.22 6.71 -9.44
N VAL B 78 9.89 6.43 -8.33
CA VAL B 78 9.19 5.92 -7.16
C VAL B 78 8.09 6.89 -6.72
N GLY B 79 8.40 8.19 -6.68
CA GLY B 79 7.39 9.18 -6.35
C GLY B 79 6.14 9.09 -7.23
N ARG B 80 6.33 8.80 -8.51
CA ARG B 80 5.21 8.77 -9.44
C ARG B 80 4.45 7.47 -9.34
N ASP B 81 5.15 6.39 -9.01
CA ASP B 81 4.56 5.09 -8.71
C ASP B 81 3.56 5.18 -7.59
N ILE B 82 3.98 5.84 -6.52
CA ILE B 82 3.15 5.97 -5.35
C ILE B 82 1.91 6.81 -5.69
N GLU B 83 2.10 7.92 -6.38
CA GLU B 83 0.96 8.73 -6.81
C GLU B 83 0.00 7.95 -7.67
N GLY B 84 0.54 7.23 -8.65
CA GLY B 84 -0.23 6.37 -9.54
C GLY B 84 -1.17 5.39 -8.88
N ILE B 85 -0.65 4.46 -8.07
CA ILE B 85 -1.50 3.48 -7.40
C ILE B 85 -2.46 4.13 -6.42
N SER B 86 -2.03 5.22 -5.76
CA SER B 86 -2.92 5.93 -4.85
C SER B 86 -4.10 6.51 -5.60
N GLU B 87 -3.79 7.05 -6.76
CA GLU B 87 -4.80 7.60 -7.63
C GLU B 87 -5.75 6.48 -8.08
N LEU B 88 -5.17 5.35 -8.45
CA LEU B 88 -5.99 4.26 -8.92
C LEU B 88 -6.86 3.77 -7.76
N LYS B 89 -6.27 3.67 -6.59
CA LYS B 89 -7.02 3.21 -5.43
C LYS B 89 -8.18 4.17 -5.13
N GLU B 90 -7.93 5.48 -5.18
CA GLU B 90 -8.99 6.40 -4.82
C GLU B 90 -10.07 6.46 -5.89
N ILE B 91 -9.74 6.12 -7.13
CA ILE B 91 -10.74 5.95 -8.16
C ILE B 91 -11.56 4.66 -8.03
N LEU B 92 -10.92 3.55 -7.73
CA LEU B 92 -11.65 2.30 -7.68
C LEU B 92 -12.48 2.10 -6.40
N GLU B 93 -11.93 2.40 -5.22
CA GLU B 93 -12.64 2.15 -3.95
C GLU B 93 -14.11 2.63 -3.93
N PRO B 94 -14.36 3.90 -4.29
CA PRO B 94 -15.76 4.33 -4.23
C PRO B 94 -16.66 3.69 -5.30
N LEU B 95 -16.07 3.28 -6.42
CA LEU B 95 -16.86 2.70 -7.50
C LEU B 95 -17.33 1.31 -7.11
N ILE B 96 -16.45 0.54 -6.48
CA ILE B 96 -16.78 -0.80 -6.06
C ILE B 96 -17.99 -0.79 -5.11
N ASP B 97 -18.07 0.18 -4.20
CA ASP B 97 -19.22 0.24 -3.29
C ASP B 97 -20.48 0.78 -3.95
N GLU B 98 -20.36 1.24 -5.20
CA GLU B 98 -21.52 1.64 -5.98
C GLU B 98 -22.07 0.49 -6.82
N ILE B 99 -21.36 -0.62 -6.89
CA ILE B 99 -21.88 -1.78 -7.58
C ILE B 99 -23.02 -2.36 -6.75
N LYS B 100 -24.24 -2.21 -7.24
CA LYS B 100 -25.39 -2.69 -6.53
C LYS B 100 -26.18 -3.72 -7.35
N THR B 101 -25.91 -3.78 -8.65
CA THR B 101 -26.64 -4.67 -9.55
C THR B 101 -25.69 -5.35 -10.50
N PRO B 102 -26.17 -6.41 -11.18
CA PRO B 102 -25.29 -7.03 -12.18
C PRO B 102 -24.86 -6.03 -13.26
N ASP B 103 -25.77 -5.17 -13.72
CA ASP B 103 -25.45 -4.21 -14.77
C ASP B 103 -24.38 -3.23 -14.30
N GLU B 104 -24.46 -2.83 -13.05
CA GLU B 104 -23.47 -1.93 -12.52
C GLU B 104 -22.14 -2.65 -12.38
N PHE B 105 -22.16 -3.94 -12.00
CA PHE B 105 -20.94 -4.76 -11.98
C PHE B 105 -20.28 -4.75 -13.36
N GLU B 106 -21.10 -4.95 -14.40
CA GLU B 106 -20.61 -4.94 -15.78
C GLU B 106 -20.02 -3.59 -16.16
N LYS B 107 -20.71 -2.53 -15.77
CA LYS B 107 -20.21 -1.19 -16.06
C LYS B 107 -18.88 -0.97 -15.36
N PHE B 108 -18.74 -1.52 -14.16
CA PHE B 108 -17.49 -1.39 -13.43
C PHE B 108 -16.36 -2.11 -14.16
N LYS B 109 -16.66 -3.33 -14.58
CA LYS B 109 -15.65 -4.20 -15.16
C LYS B 109 -15.17 -3.60 -16.46
N LYS B 110 -16.11 -3.07 -17.25
CA LYS B 110 -15.75 -2.38 -18.48
C LYS B 110 -14.91 -1.15 -18.20
N PHE B 111 -15.18 -0.49 -17.10
CA PHE B 111 -14.43 0.70 -16.74
C PHE B 111 -13.00 0.32 -16.38
N TYR B 112 -12.86 -0.69 -15.52
CA TYR B 112 -11.55 -1.18 -15.14
C TYR B 112 -10.75 -1.65 -16.37
N ASP B 113 -11.38 -2.46 -17.22
CA ASP B 113 -10.72 -2.97 -18.43
C ASP B 113 -10.19 -1.84 -19.31
N ALA B 114 -10.89 -0.72 -19.32
CA ALA B 114 -10.52 0.41 -20.18
C ALA B 114 -9.30 1.11 -19.59
N ILE B 115 -9.31 1.34 -18.29
CA ILE B 115 -8.14 1.86 -17.62
C ILE B 115 -6.96 0.95 -17.88
N LEU B 116 -7.14 -0.34 -17.62
CA LEU B 116 -6.09 -1.33 -17.90
C LEU B 116 -5.57 -1.25 -19.33
N ALA B 117 -6.48 -1.32 -20.28
CA ALA B 117 -6.11 -1.34 -21.69
C ALA B 117 -5.33 -0.08 -22.08
N TYR B 118 -5.79 1.10 -21.65
CA TYR B 118 -5.05 2.31 -21.99
C TYR B 118 -3.77 2.50 -21.19
N HIS B 119 -3.75 2.05 -19.94
CA HIS B 119 -2.52 2.03 -19.15
C HIS B 119 -1.44 1.28 -19.93
N LYS B 120 -1.76 0.09 -20.41
CA LYS B 120 -0.76 -0.73 -21.09
C LYS B 120 -0.49 -0.22 -22.52
N PHE B 121 -1.47 0.46 -23.12
CA PHE B 121 -1.28 0.98 -24.47
C PHE B 121 -0.24 2.09 -24.55
N HIS B 122 -0.45 3.16 -23.78
CA HIS B 122 0.37 4.36 -23.87
C HIS B 122 1.82 4.18 -23.39
N SER B 123 2.15 2.99 -22.91
CA SER B 123 3.53 2.67 -22.56
C SER B 123 4.35 2.31 -23.80
N GLY C 1 -14.51 12.38 -8.74
CA GLY C 1 -14.79 12.80 -10.10
C GLY C 1 -15.36 11.73 -11.03
N VAL C 2 -15.69 10.55 -10.49
CA VAL C 2 -16.29 9.46 -11.28
C VAL C 2 -17.37 8.72 -10.48
N SER C 3 -18.45 8.33 -11.13
CA SER C 3 -19.50 7.55 -10.49
C SER C 3 -20.13 6.54 -11.45
N LEU C 4 -20.54 5.40 -10.91
CA LEU C 4 -21.19 4.36 -11.70
C LEU C 4 -22.56 4.76 -12.20
N LYS C 5 -23.09 5.88 -11.74
CA LYS C 5 -24.38 6.29 -12.27
C LYS C 5 -24.21 7.02 -13.60
N GLU C 6 -23.01 7.50 -13.87
CA GLU C 6 -22.68 7.99 -15.20
C GLU C 6 -22.91 6.89 -16.23
N ASP C 7 -23.23 7.28 -17.47
CA ASP C 7 -23.53 6.29 -18.50
C ASP C 7 -22.23 5.62 -18.96
N LEU C 8 -22.30 4.33 -19.32
CA LEU C 8 -21.12 3.52 -19.64
C LEU C 8 -20.11 4.26 -20.48
N LYS C 9 -20.61 5.07 -21.39
CA LYS C 9 -19.74 5.74 -22.32
C LYS C 9 -18.91 6.82 -21.65
N ASP C 10 -19.52 7.81 -21.00
CA ASP C 10 -18.74 8.85 -20.30
C ASP C 10 -17.75 8.28 -19.29
N LEU C 11 -18.04 7.08 -18.77
CA LEU C 11 -17.09 6.32 -17.97
C LEU C 11 -15.84 5.91 -18.75
N VAL C 12 -15.97 5.37 -19.97
CA VAL C 12 -14.76 4.86 -20.63
C VAL C 12 -13.97 6.01 -21.24
N ARG C 13 -14.60 7.17 -21.40
CA ARG C 13 -13.85 8.37 -21.76
C ARG C 13 -12.97 8.76 -20.59
N LYS C 14 -13.55 8.77 -19.39
CA LYS C 14 -12.79 9.06 -18.19
C LYS C 14 -11.70 8.00 -17.97
N ALA C 15 -12.00 6.76 -18.34
CA ALA C 15 -11.05 5.68 -18.15
C ALA C 15 -9.87 5.88 -19.08
N GLU C 16 -10.16 6.36 -20.28
CA GLU C 16 -9.12 6.67 -21.26
C GLU C 16 -8.12 7.66 -20.67
N GLU C 17 -8.62 8.76 -20.12
CA GLU C 17 -7.80 9.80 -19.50
C GLU C 17 -6.98 9.24 -18.34
N ILE C 18 -7.65 8.54 -17.42
CA ILE C 18 -6.96 7.96 -16.28
C ILE C 18 -5.88 6.99 -16.75
N GLY C 19 -6.23 6.07 -17.64
CA GLY C 19 -5.25 5.15 -18.21
C GLY C 19 -4.05 5.84 -18.84
N ARG C 20 -4.31 6.88 -19.63
CA ARG C 20 -3.26 7.63 -20.30
C ARG C 20 -2.31 8.22 -19.24
N GLU C 21 -2.88 8.86 -18.25
CA GLU C 21 -2.09 9.44 -17.17
C GLU C 21 -1.23 8.41 -16.44
N LEU C 22 -1.82 7.27 -16.13
CA LEU C 22 -1.12 6.22 -15.41
C LEU C 22 0.05 5.60 -16.17
N SER C 23 0.09 5.78 -17.49
CA SER C 23 1.16 5.21 -18.30
C SER C 23 2.48 5.91 -18.05
N GLY C 24 2.40 7.21 -17.75
CA GLY C 24 3.59 7.96 -17.44
C GLY C 24 4.04 7.83 -15.98
N LYS C 25 3.24 7.18 -15.16
CA LYS C 25 3.53 7.13 -13.74
C LYS C 25 3.71 5.72 -13.24
N LEU C 26 2.72 4.90 -13.51
CA LEU C 26 2.71 3.53 -13.04
C LEU C 26 3.34 2.60 -14.05
N LYS C 27 4.20 1.71 -13.57
CA LYS C 27 4.60 0.54 -14.32
C LYS C 27 3.37 -0.37 -14.38
N THR C 28 3.33 -1.26 -15.36
CA THR C 28 2.07 -1.75 -15.93
C THR C 28 1.34 -2.93 -15.23
N ASN C 29 1.95 -3.53 -14.20
CA ASN C 29 1.31 -4.65 -13.49
C ASN C 29 1.47 -4.59 -11.98
N GLN C 30 0.96 -3.52 -11.39
CA GLN C 30 1.11 -3.29 -9.96
C GLN C 30 0.01 -3.96 -9.12
N LEU C 31 -1.07 -4.35 -9.78
CA LEU C 31 -2.24 -4.82 -9.04
C LEU C 31 -2.62 -6.23 -9.48
N ARG C 32 -1.60 -7.03 -9.76
CA ARG C 32 -1.79 -8.36 -10.30
C ARG C 32 -2.77 -9.17 -9.46
N LYS C 33 -2.49 -9.34 -8.16
CA LYS C 33 -3.38 -10.11 -7.28
C LYS C 33 -4.78 -9.47 -7.16
N PHE C 34 -4.85 -8.14 -7.29
CA PHE C 34 -6.14 -7.47 -7.33
C PHE C 34 -6.89 -7.75 -8.64
N HIS C 35 -6.20 -7.61 -9.77
CA HIS C 35 -6.78 -7.87 -11.07
C HIS C 35 -7.25 -9.31 -11.15
N GLY C 36 -6.49 -10.21 -10.53
CA GLY C 36 -6.84 -11.61 -10.46
C GLY C 36 -8.08 -11.89 -9.63
N HIS C 37 -8.19 -11.28 -8.46
CA HIS C 37 -9.38 -11.45 -7.63
C HIS C 37 -10.61 -10.93 -8.39
N LEU C 38 -10.44 -9.80 -9.08
CA LEU C 38 -11.55 -9.25 -9.82
C LEU C 38 -12.03 -10.22 -10.89
N THR C 39 -11.11 -10.66 -11.75
CA THR C 39 -11.54 -11.49 -12.87
C THR C 39 -12.13 -12.77 -12.34
N LYS C 40 -11.65 -13.24 -11.20
CA LYS C 40 -12.24 -14.45 -10.63
C LYS C 40 -13.70 -14.21 -10.21
N ILE C 41 -13.95 -13.10 -9.56
CA ILE C 41 -15.31 -12.73 -9.20
C ILE C 41 -16.15 -12.51 -10.46
N TRP C 42 -15.56 -11.88 -11.46
CA TRP C 42 -16.29 -11.62 -12.70
C TRP C 42 -16.64 -12.92 -13.40
N SER C 43 -15.72 -13.86 -13.43
CA SER C 43 -15.99 -15.08 -14.19
C SER C 43 -16.97 -15.93 -13.41
N ASN C 44 -16.98 -15.78 -12.09
CA ASN C 44 -18.00 -16.42 -11.25
C ASN C 44 -19.38 -15.92 -11.61
N TYR C 45 -19.50 -14.61 -11.74
CA TYR C 45 -20.77 -14.00 -12.06
C TYR C 45 -21.21 -14.40 -13.46
N ILE C 46 -20.34 -14.23 -14.45
CA ILE C 46 -20.66 -14.62 -15.84
C ILE C 46 -21.07 -16.09 -15.95
N TYR C 47 -20.42 -16.94 -15.17
CA TYR C 47 -20.71 -18.37 -15.25
C TYR C 47 -22.10 -18.78 -14.79
N LYS C 48 -22.70 -18.03 -13.88
CA LYS C 48 -24.06 -18.30 -13.43
C LYS C 48 -24.89 -17.06 -13.61
N LYS C 49 -24.64 -16.36 -14.72
CA LYS C 49 -25.16 -15.03 -14.95
C LYS C 49 -26.68 -14.93 -14.80
N LYS C 50 -27.41 -15.79 -15.51
CA LYS C 50 -28.87 -15.74 -15.48
C LYS C 50 -29.40 -15.94 -14.07
N ASP C 51 -28.87 -16.94 -13.39
CA ASP C 51 -29.19 -17.20 -12.00
C ASP C 51 -28.93 -15.95 -11.12
N TYR C 52 -27.79 -15.31 -11.27
CA TYR C 52 -27.48 -14.13 -10.47
C TYR C 52 -28.43 -12.97 -10.80
N ARG C 53 -28.80 -12.84 -12.07
CA ARG C 53 -29.62 -11.71 -12.49
C ARG C 53 -31.08 -11.93 -12.07
N ASP C 54 -31.45 -13.20 -11.82
CA ASP C 54 -32.79 -13.55 -11.34
C ASP C 54 -32.95 -13.58 -9.82
N ASN C 55 -31.84 -13.76 -9.08
CA ASN C 55 -31.88 -13.76 -7.62
C ASN C 55 -30.94 -12.73 -7.02
N PRO C 56 -31.46 -11.52 -6.75
CA PRO C 56 -30.65 -10.43 -6.18
C PRO C 56 -29.99 -10.88 -4.88
N GLU C 57 -30.70 -11.66 -4.08
CA GLU C 57 -30.16 -12.12 -2.80
C GLU C 57 -28.93 -12.98 -3.02
N LYS C 58 -28.97 -13.87 -4.00
CA LYS C 58 -27.82 -14.72 -4.31
C LYS C 58 -26.66 -13.87 -4.83
N PHE C 59 -26.97 -12.90 -5.68
CA PHE C 59 -25.99 -11.95 -6.18
C PHE C 59 -25.34 -11.17 -5.05
N ASN C 60 -26.17 -10.69 -4.13
CA ASN C 60 -25.67 -9.93 -2.99
C ASN C 60 -24.71 -10.77 -2.16
N GLU C 61 -25.11 -11.99 -1.80
CA GLU C 61 -24.32 -12.79 -0.88
C GLU C 61 -23.16 -13.47 -1.55
N GLU C 62 -23.15 -13.57 -2.88
CA GLU C 62 -22.05 -14.32 -3.51
C GLU C 62 -21.12 -13.47 -4.37
N ILE C 63 -21.64 -12.38 -4.91
CA ILE C 63 -20.83 -11.56 -5.76
C ILE C 63 -20.55 -10.25 -5.03
N LEU C 64 -21.58 -9.58 -4.54
CA LEU C 64 -21.34 -8.27 -3.91
C LEU C 64 -20.51 -8.42 -2.65
N ASN C 65 -20.71 -9.52 -1.95
CA ASN C 65 -19.96 -9.79 -0.74
C ASN C 65 -18.48 -9.94 -1.05
N GLU C 66 -18.17 -10.71 -2.09
CA GLU C 66 -16.79 -10.87 -2.52
C GLU C 66 -16.20 -9.55 -3.04
N LEU C 67 -16.99 -8.75 -3.73
CA LEU C 67 -16.48 -7.47 -4.24
C LEU C 67 -16.13 -6.54 -3.07
N HIS C 68 -16.85 -6.70 -1.96
CA HIS C 68 -16.54 -5.91 -0.78
C HIS C 68 -15.18 -6.36 -0.17
N PHE C 69 -14.93 -7.66 -0.10
CA PHE C 69 -13.62 -8.11 0.33
C PHE C 69 -12.55 -7.58 -0.61
N MET C 70 -12.87 -7.52 -1.89
CA MET C 70 -11.91 -7.09 -2.87
C MET C 70 -11.57 -5.61 -2.61
N LYS C 71 -12.59 -4.85 -2.28
CA LYS C 71 -12.42 -3.44 -2.04
C LYS C 71 -11.50 -3.22 -0.82
N ILE C 72 -11.65 -4.07 0.19
CA ILE C 72 -10.85 -4.01 1.41
C ILE C 72 -9.41 -4.43 1.11
N PHE C 73 -9.29 -5.45 0.27
CA PHE C 73 -8.03 -6.03 -0.09
C PHE C 73 -7.19 -5.08 -0.94
N LEU C 74 -7.85 -4.32 -1.80
CA LEU C 74 -7.17 -3.30 -2.60
C LEU C 74 -6.50 -2.24 -1.72
N ALA C 75 -7.21 -1.76 -0.71
CA ALA C 75 -6.61 -0.82 0.24
C ALA C 75 -5.36 -1.41 0.87
N TYR C 76 -5.51 -2.63 1.37
CA TYR C 76 -4.40 -3.30 2.02
C TYR C 76 -3.20 -3.44 1.09
N GLN C 77 -3.42 -3.94 -0.12
CA GLN C 77 -2.36 -4.13 -1.10
C GLN C 77 -1.67 -2.84 -1.52
N VAL C 78 -2.46 -1.83 -1.84
CA VAL C 78 -1.87 -0.56 -2.24
C VAL C 78 -1.02 0.01 -1.11
N GLY C 79 -1.52 -0.12 0.12
CA GLY C 79 -0.79 0.36 1.29
C GLY C 79 0.55 -0.30 1.46
N ARG C 80 0.59 -1.61 1.22
CA ARG C 80 1.81 -2.37 1.34
C ARG C 80 2.79 -2.08 0.21
N ASP C 81 2.30 -2.02 -1.03
CA ASP C 81 3.12 -1.63 -2.17
C ASP C 81 3.81 -0.28 -1.92
N ILE C 82 3.11 0.66 -1.32
CA ILE C 82 3.64 1.99 -1.14
C ILE C 82 4.73 1.96 -0.08
N GLU C 83 4.46 1.31 1.05
CA GLU C 83 5.45 1.34 2.09
C GLU C 83 6.63 0.44 1.73
N GLY C 84 6.40 -0.61 0.97
CA GLY C 84 7.51 -1.40 0.46
C GLY C 84 8.51 -0.60 -0.36
N ILE C 85 8.03 0.09 -1.37
CA ILE C 85 8.91 0.76 -2.29
C ILE C 85 9.49 2.04 -1.66
N SER C 86 8.71 2.66 -0.79
CA SER C 86 9.10 3.88 -0.12
C SER C 86 10.21 3.57 0.86
N GLU C 87 10.12 2.42 1.51
CA GLU C 87 11.14 2.01 2.47
C GLU C 87 12.47 1.72 1.78
N LEU C 88 12.42 0.93 0.71
CA LEU C 88 13.64 0.62 -0.05
C LEU C 88 14.31 1.89 -0.55
N LYS C 89 13.52 2.79 -1.14
CA LYS C 89 14.07 4.05 -1.64
C LYS C 89 14.65 4.88 -0.50
N GLU C 90 14.03 4.83 0.68
CA GLU C 90 14.53 5.64 1.77
C GLU C 90 15.73 4.98 2.42
N ILE C 91 15.96 3.70 2.13
CA ILE C 91 17.24 3.11 2.49
C ILE C 91 18.29 3.41 1.42
N LEU C 92 17.93 3.32 0.15
CA LEU C 92 18.94 3.51 -0.90
C LEU C 92 19.41 4.95 -0.99
N GLU C 93 18.46 5.89 -1.00
CA GLU C 93 18.77 7.30 -1.24
C GLU C 93 19.88 7.83 -0.33
N PRO C 94 19.72 7.75 1.01
CA PRO C 94 20.77 8.33 1.86
C PRO C 94 22.11 7.60 1.74
N LEU C 95 22.09 6.31 1.40
CA LEU C 95 23.35 5.60 1.28
C LEU C 95 24.06 6.07 0.03
N ILE C 96 23.31 6.20 -1.06
CA ILE C 96 23.93 6.73 -2.28
C ILE C 96 24.47 8.15 -2.06
N ASP C 97 23.80 8.97 -1.23
CA ASP C 97 24.34 10.27 -0.85
C ASP C 97 25.76 10.18 -0.25
N GLU C 98 25.99 9.11 0.49
CA GLU C 98 27.21 8.96 1.28
C GLU C 98 28.39 8.42 0.47
N ILE C 99 28.14 8.01 -0.77
CA ILE C 99 29.20 7.46 -1.59
C ILE C 99 30.06 8.59 -2.17
N LYS C 100 31.29 8.72 -1.68
CA LYS C 100 32.18 9.79 -2.11
C LYS C 100 33.48 9.20 -2.61
N THR C 101 33.74 7.95 -2.23
CA THR C 101 35.01 7.27 -2.47
C THR C 101 34.79 5.87 -3.02
N PRO C 102 35.78 5.33 -3.73
CA PRO C 102 35.74 3.93 -4.18
C PRO C 102 35.38 2.94 -3.06
N ASP C 103 36.01 3.06 -1.89
CA ASP C 103 35.71 2.13 -0.79
C ASP C 103 34.22 2.17 -0.44
N GLU C 104 33.69 3.38 -0.32
CA GLU C 104 32.30 3.57 0.00
C GLU C 104 31.43 2.96 -1.11
N PHE C 105 31.83 3.18 -2.36
CA PHE C 105 31.09 2.60 -3.50
C PHE C 105 30.97 1.09 -3.38
N GLU C 106 32.10 0.41 -3.19
CA GLU C 106 32.05 -1.05 -3.23
C GLU C 106 31.41 -1.59 -1.95
N LYS C 107 31.48 -0.84 -0.87
CA LYS C 107 30.74 -1.24 0.32
C LYS C 107 29.23 -1.10 0.07
N PHE C 108 28.83 -0.05 -0.66
CA PHE C 108 27.44 0.11 -0.99
C PHE C 108 26.98 -1.05 -1.85
N LYS C 109 27.74 -1.32 -2.90
CA LYS C 109 27.40 -2.37 -3.85
C LYS C 109 27.17 -3.70 -3.13
N LYS C 110 27.99 -3.98 -2.12
CA LYS C 110 27.90 -5.22 -1.35
C LYS C 110 26.63 -5.29 -0.53
N PHE C 111 26.29 -4.17 0.11
CA PHE C 111 25.04 -4.07 0.85
C PHE C 111 23.85 -4.25 -0.09
N TYR C 112 23.93 -3.60 -1.24
CA TYR C 112 22.86 -3.68 -2.21
C TYR C 112 22.70 -5.09 -2.76
N ASP C 113 23.82 -5.77 -2.99
CA ASP C 113 23.80 -7.14 -3.48
C ASP C 113 23.04 -7.97 -2.45
N ALA C 114 23.37 -7.76 -1.18
CA ALA C 114 22.79 -8.53 -0.08
C ALA C 114 21.30 -8.25 0.11
N ILE C 115 20.88 -6.99 -0.02
CA ILE C 115 19.47 -6.67 0.09
C ILE C 115 18.73 -7.40 -1.01
N LEU C 116 19.19 -7.21 -2.24
CA LEU C 116 18.61 -7.84 -3.42
C LEU C 116 18.49 -9.37 -3.30
N ALA C 117 19.47 -9.99 -2.65
CA ALA C 117 19.53 -11.45 -2.55
C ALA C 117 18.62 -12.01 -1.46
N TYR C 118 18.67 -11.43 -0.24
CA TYR C 118 17.77 -11.83 0.83
C TYR C 118 16.34 -11.32 0.56
N HIS C 119 16.18 -10.63 -0.57
CA HIS C 119 14.89 -10.09 -0.99
C HIS C 119 14.21 -11.05 -1.96
N LYS C 120 14.97 -11.58 -2.91
CA LYS C 120 14.44 -12.60 -3.84
C LYS C 120 14.21 -13.92 -3.10
N PHE C 121 14.99 -14.13 -2.05
CA PHE C 121 14.98 -15.38 -1.28
C PHE C 121 13.60 -15.73 -0.71
N HIS C 122 12.86 -14.71 -0.27
CA HIS C 122 11.52 -14.91 0.26
C HIS C 122 10.46 -14.42 -0.73
N SER C 123 9.51 -15.29 -1.07
CA SER C 123 8.51 -14.93 -2.09
C SER C 123 7.13 -14.68 -1.48
CD CD D . 3.63 14.06 -9.49
CD CD E . -2.41 -2.45 -13.53
CD CD F . 14.53 -5.21 -6.56
CD CD G . -10.31 5.61 0.08
CD CD H . 33.62 -8.30 8.04
CD CD I . -34.36 -13.81 -16.42
CD CD J . 2.08 -1.85 7.19
#